data_7TXW
#
_entry.id   7TXW
#
_cell.length_a   122.320
_cell.length_b   50.170
_cell.length_c   100.030
_cell.angle_alpha   90.000
_cell.angle_beta   123.096
_cell.angle_gamma   90.000
#
_symmetry.space_group_name_H-M   'C 1 2 1'
#
loop_
_entity.id
_entity.type
_entity.pdbx_description
1 polymer 'Fab fragment of monoclonal antibody 1G2 light chain'
2 polymer 'Fab fragment of monoclonal antibody 1G2 heavy chain'
3 polymer 'Ookinete surface protein P25'
4 non-polymer DI(HYDROXYETHYL)ETHER
5 non-polymer GLYCEROL
6 non-polymer 1,2-ETHANEDIOL
7 non-polymer ETHANOL
8 water water
#
loop_
_entity_poly.entity_id
_entity_poly.type
_entity_poly.pdbx_seq_one_letter_code
_entity_poly.pdbx_strand_id
1 'polypeptide(L)'
;DVVMTQTPLSLPVSLGDQASMSCRSSQSLVHSNGNTYLHWYLQKPGQSPKLLIYKVSKRFSGVPDRFSGSGSGTDFTLKI
SRVEAEDLGVYFCSQSTHVPYTFGGGTKLEMKRTDAAPTVSIFPPSSEQLTSGGASVVCFLNNFYPKDINVKWKIDGSER
QNGVLNSWTDQDSKDSTYSMSSTLTLTKDEYERHNSYTCEATHKTSTSPIVKSFNRNEC
;
L
2 'polypeptide(L)'
;QVQLQQSGAELVRPGASVTLSCKASGYTFTDYEMHWVKQTPVHGLEWIGAIDPETGGPAYNQKFKGKAILTTDKSSTTAY
MELRSLTSEDSAVYYCARYYYVSSYWGQGTSVTVSSASTKPPSVYPLAPGSAAQTNSMVTLGCLVKGYFPEPVTVTWNSG
SLSSGVHTFPAVLQSDLYTLSSSVTVPSSTWPSETVTCNVAHPASSTKVDKKIVPRDCG
;
H
3 'polypeptide(L)'
;KVTVDTVCKRGFLIQMSGHLECKCENDLVLVNEETCEEKVLKCDEKTVNKPCGDFSKCIKIDGNPVSYACKCNLGYDMVN
NVCIPNECKNVTCGNGKCILDTSNPVKTGVCSCNIGKVPNVQDQNKCSKDGETKCSLKCLKENETCKAVDGIYKCDCKDG
FIIDNESSICT
;
A
#
# COMPACT_ATOMS: atom_id res chain seq x y z
N ASP A 1 15.61 9.14 14.41
CA ASP A 1 14.66 8.12 13.97
C ASP A 1 15.39 6.87 13.53
N VAL A 2 14.83 5.70 13.79
CA VAL A 2 15.44 4.46 13.33
C VAL A 2 15.04 4.25 11.87
N VAL A 3 16.03 4.14 10.98
CA VAL A 3 15.78 3.88 9.56
C VAL A 3 15.78 2.39 9.32
N MET A 4 14.75 1.91 8.62
CA MET A 4 14.57 0.51 8.25
C MET A 4 14.76 0.36 6.76
N THR A 5 15.72 -0.50 6.38
CA THR A 5 16.07 -0.70 4.95
C THR A 5 15.78 -2.15 4.54
N GLN A 6 15.03 -2.33 3.47
CA GLN A 6 14.64 -3.68 3.00
C GLN A 6 15.31 -3.98 1.66
N THR A 7 15.78 -5.20 1.50
CA THR A 7 16.38 -5.65 0.21
C THR A 7 15.83 -7.05 -0.06
N PRO A 8 15.61 -7.47 -1.31
CA PRO A 8 15.58 -6.56 -2.45
C PRO A 8 14.29 -5.73 -2.54
N LEU A 9 14.30 -4.69 -3.35
CA LEU A 9 13.09 -3.89 -3.65
C LEU A 9 12.08 -4.76 -4.39
N SER A 10 12.56 -5.55 -5.35
CA SER A 10 11.69 -6.48 -6.09
C SER A 10 12.25 -7.90 -5.98
N LEU A 11 11.39 -8.85 -5.63
CA LEU A 11 11.78 -10.27 -5.52
C LEU A 11 11.01 -11.09 -6.58
N PRO A 12 11.47 -11.25 -7.85
CA PRO A 12 10.76 -12.10 -8.79
C PRO A 12 10.98 -13.58 -8.44
N VAL A 13 9.89 -14.34 -8.45
CA VAL A 13 9.89 -15.74 -8.04
C VAL A 13 8.90 -16.47 -8.93
N SER A 14 9.09 -17.78 -9.03
CA SER A 14 8.10 -18.66 -9.62
C SER A 14 7.36 -19.36 -8.49
N LEU A 15 6.10 -19.71 -8.74
CA LEU A 15 5.34 -20.41 -7.73
C LEU A 15 6.05 -21.68 -7.32
N GLY A 16 6.05 -21.97 -6.01
CA GLY A 16 6.76 -23.11 -5.48
C GLY A 16 8.19 -22.85 -5.09
N ASP A 17 8.78 -21.72 -5.50
CA ASP A 17 10.10 -21.34 -5.04
C ASP A 17 10.05 -20.98 -3.56
N GLN A 18 11.22 -21.08 -2.92
CA GLN A 18 11.44 -20.45 -1.63
C GLN A 18 11.82 -18.99 -1.84
N ALA A 19 11.49 -18.16 -0.86
CA ALA A 19 11.78 -16.74 -0.92
C ALA A 19 12.39 -16.26 0.38
N SER A 20 13.30 -15.31 0.27
CA SER A 20 14.03 -14.76 1.41
C SER A 20 14.19 -13.27 1.20
N MET A 21 13.90 -12.48 2.24
CA MET A 21 13.99 -11.03 2.20
C MET A 21 14.71 -10.52 3.42
N SER A 22 15.38 -9.38 3.26
CA SER A 22 16.18 -8.80 4.33
C SER A 22 15.55 -7.48 4.80
N CYS A 23 15.68 -7.24 6.11
CA CYS A 23 15.30 -5.98 6.74
C CYS A 23 16.36 -5.63 7.77
N ARG A 24 17.01 -4.49 7.59
CA ARG A 24 18.06 -4.05 8.50
C ARG A 24 17.65 -2.75 9.18
N SER A 25 17.98 -2.60 10.45
CA SER A 25 17.72 -1.37 11.18
C SER A 25 19.04 -0.63 11.47
N SER A 26 18.92 0.70 11.54
CA SER A 26 20.06 1.60 11.82
C SER A 26 20.42 1.57 13.30
N GLN A 27 19.52 1.04 14.13
CA GLN A 27 19.75 0.98 15.60
C GLN A 27 19.24 -0.37 16.10
N SER A 28 19.88 -0.93 17.12
CA SER A 28 19.39 -2.20 17.71
C SER A 28 17.92 -2.07 18.09
N LEU A 29 17.16 -3.12 17.83
CA LEU A 29 15.76 -3.12 18.16
C LEU A 29 15.47 -3.84 19.46
N VAL A 30 16.49 -4.16 20.25
CA VAL A 30 16.26 -4.76 21.55
C VAL A 30 15.70 -3.71 22.49
N HIS A 31 14.53 -3.98 23.05
CA HIS A 31 13.87 -3.10 23.99
C HIS A 31 14.46 -3.30 25.38
N SER A 32 14.33 -2.27 26.21
CA SER A 32 14.85 -2.41 27.57
C SER A 32 14.12 -3.51 28.34
N ASN A 33 12.97 -4.02 27.84
CA ASN A 33 12.31 -5.13 28.51
C ASN A 33 12.81 -6.49 28.04
N GLY A 34 13.81 -6.51 27.16
CA GLY A 34 14.37 -7.74 26.64
C GLY A 34 13.80 -8.18 25.29
N ASN A 35 12.63 -7.68 24.93
CA ASN A 35 12.00 -8.13 23.68
C ASN A 35 12.56 -7.37 22.49
N THR A 36 12.28 -7.89 21.30
CA THR A 36 12.66 -7.25 20.04
C THR A 36 11.41 -7.06 19.18
N TYR A 37 11.00 -5.81 19.00
CA TYR A 37 9.73 -5.48 18.37
C TYR A 37 9.95 -5.16 16.89
N LEU A 38 10.21 -6.22 16.14
CA LEU A 38 10.37 -6.20 14.70
C LEU A 38 9.26 -7.07 14.13
N HIS A 39 8.45 -6.50 13.23
CA HIS A 39 7.28 -7.17 12.68
C HIS A 39 7.29 -7.11 11.15
N TRP A 40 6.57 -8.06 10.54
CA TRP A 40 6.46 -8.15 9.09
C TRP A 40 4.99 -8.10 8.68
N TYR A 41 4.68 -7.33 7.64
CA TYR A 41 3.33 -7.25 7.11
C TYR A 41 3.29 -7.59 5.63
N LEU A 42 2.15 -8.11 5.19
CA LEU A 42 1.88 -8.28 3.76
C LEU A 42 0.73 -7.35 3.36
N GLN A 43 0.93 -6.58 2.29
CA GLN A 43 -0.09 -5.68 1.78
C GLN A 43 -0.39 -6.04 0.32
N LYS A 44 -1.61 -6.40 0.06
CA LYS A 44 -2.02 -6.68 -1.31
C LYS A 44 -2.70 -5.45 -1.89
N PRO A 45 -2.73 -5.33 -3.22
CA PRO A 45 -3.19 -4.07 -3.82
C PRO A 45 -4.60 -3.72 -3.39
N GLY A 46 -4.79 -2.45 -3.05
CA GLY A 46 -6.07 -1.94 -2.58
C GLY A 46 -6.45 -2.32 -1.16
N GLN A 47 -5.62 -3.07 -0.44
CA GLN A 47 -5.95 -3.50 0.92
C GLN A 47 -4.96 -2.91 1.91
N SER A 48 -5.33 -3.00 3.18
CA SER A 48 -4.44 -2.61 4.26
C SER A 48 -3.36 -3.66 4.45
N PRO A 49 -2.26 -3.29 5.06
CA PRO A 49 -1.26 -4.31 5.41
C PRO A 49 -1.84 -5.26 6.45
N LYS A 50 -1.47 -6.53 6.33
CA LYS A 50 -1.90 -7.59 7.26
C LYS A 50 -0.66 -8.13 7.97
N LEU A 51 -0.75 -8.29 9.29
CA LEU A 51 0.36 -8.80 10.08
C LEU A 51 0.65 -10.25 9.72
N LEU A 52 1.93 -10.56 9.48
CA LEU A 52 2.37 -11.92 9.24
C LEU A 52 3.11 -12.47 10.44
N ILE A 53 4.22 -11.84 10.79
CA ILE A 53 5.11 -12.26 11.86
C ILE A 53 5.32 -11.06 12.76
N TYR A 54 5.22 -11.26 14.08
CA TYR A 54 5.48 -10.22 15.05
C TYR A 54 6.64 -10.65 15.94
N LYS A 55 7.32 -9.68 16.54
CA LYS A 55 8.45 -9.91 17.49
C LYS A 55 9.45 -10.91 16.92
N VAL A 56 9.97 -10.60 15.72
CA VAL A 56 11.00 -11.33 14.94
C VAL A 56 10.52 -12.66 14.33
N SER A 57 9.94 -13.55 15.12
CA SER A 57 9.65 -14.93 14.64
C SER A 57 8.31 -15.49 15.08
N LYS A 58 7.43 -14.70 15.67
CA LYS A 58 6.18 -15.31 16.11
C LYS A 58 5.11 -15.17 15.03
N ARG A 59 4.52 -16.28 14.62
CA ARG A 59 3.54 -16.27 13.55
C ARG A 59 2.18 -15.80 14.08
N PHE A 60 1.60 -14.81 13.40
CA PHE A 60 0.30 -14.32 13.80
C PHE A 60 -0.76 -15.38 13.54
N SER A 61 -1.84 -15.31 14.33
CA SER A 61 -2.90 -16.31 14.26
C SER A 61 -3.50 -16.33 12.86
N GLY A 62 -3.54 -17.52 12.27
CA GLY A 62 -4.12 -17.71 10.96
C GLY A 62 -3.15 -17.63 9.81
N VAL A 63 -1.89 -17.33 10.06
CA VAL A 63 -0.92 -17.18 8.99
C VAL A 63 -0.40 -18.56 8.60
N PRO A 64 -0.37 -18.89 7.30
CA PRO A 64 0.17 -20.18 6.86
C PRO A 64 1.59 -20.41 7.36
N ASP A 65 1.91 -21.66 7.69
CA ASP A 65 3.20 -21.93 8.33
C ASP A 65 4.37 -21.87 7.37
N ARG A 66 4.15 -21.58 6.09
CA ARG A 66 5.27 -21.41 5.19
C ARG A 66 6.04 -20.10 5.42
N PHE A 67 5.49 -19.19 6.23
CA PHE A 67 6.18 -17.94 6.57
C PHE A 67 6.95 -18.13 7.88
N SER A 68 8.22 -17.73 7.88
CA SER A 68 9.00 -17.72 9.11
C SER A 68 9.92 -16.51 9.13
N GLY A 69 10.09 -15.91 10.30
CA GLY A 69 11.00 -14.79 10.49
C GLY A 69 12.13 -15.17 11.42
N SER A 70 13.29 -14.54 11.21
CA SER A 70 14.44 -14.76 12.09
C SER A 70 15.29 -13.50 12.09
N GLY A 71 16.32 -13.54 12.93
CA GLY A 71 17.26 -12.42 13.01
C GLY A 71 17.47 -11.95 14.43
N SER A 72 18.37 -10.96 14.60
CA SER A 72 18.70 -10.45 15.95
C SER A 72 19.36 -9.06 15.85
N GLY A 73 19.13 -8.18 16.82
CA GLY A 73 19.80 -6.87 16.85
C GLY A 73 19.40 -5.96 15.70
N THR A 74 20.13 -6.03 14.58
CA THR A 74 19.85 -5.11 13.45
C THR A 74 19.43 -5.89 12.19
N ASP A 75 19.88 -7.13 12.03
CA ASP A 75 19.59 -7.87 10.77
C ASP A 75 18.42 -8.85 10.97
N PHE A 76 17.39 -8.79 10.11
CA PHE A 76 16.23 -9.65 10.20
C PHE A 76 15.91 -10.20 8.82
N THR A 77 15.26 -11.35 8.82
CA THR A 77 15.02 -12.06 7.57
C THR A 77 13.66 -12.73 7.63
N LEU A 78 12.87 -12.52 6.58
CA LEU A 78 11.60 -13.20 6.39
C LEU A 78 11.79 -14.25 5.30
N LYS A 79 11.31 -15.46 5.54
CA LYS A 79 11.38 -16.53 4.56
C LYS A 79 9.98 -17.06 4.27
N ILE A 80 9.76 -17.40 3.01
CA ILE A 80 8.56 -18.12 2.58
C ILE A 80 9.03 -19.47 2.04
N SER A 81 8.61 -20.54 2.70
CA SER A 81 9.17 -21.85 2.38
C SER A 81 8.83 -22.28 0.96
N ARG A 82 7.59 -21.98 0.52
CA ARG A 82 7.11 -22.38 -0.83
C ARG A 82 6.11 -21.31 -1.31
N VAL A 83 6.49 -20.48 -2.29
CA VAL A 83 5.65 -19.32 -2.71
C VAL A 83 4.35 -19.75 -3.37
N GLU A 84 3.24 -19.16 -2.93
CA GLU A 84 1.91 -19.42 -3.54
C GLU A 84 1.42 -18.12 -4.18
N ALA A 85 0.39 -18.19 -5.03
CA ALA A 85 -0.13 -17.00 -5.74
C ALA A 85 -0.64 -15.95 -4.76
N GLU A 86 -1.30 -16.38 -3.68
CA GLU A 86 -1.86 -15.46 -2.65
C GLU A 86 -0.75 -14.72 -1.88
N ASP A 87 0.51 -15.10 -2.09
CA ASP A 87 1.66 -14.47 -1.37
C ASP A 87 2.19 -13.23 -2.13
N LEU A 88 1.83 -13.06 -3.41
CA LEU A 88 2.32 -11.90 -4.13
C LEU A 88 1.79 -10.62 -3.50
N GLY A 89 2.65 -9.62 -3.43
CA GLY A 89 2.31 -8.37 -2.78
C GLY A 89 3.57 -7.73 -2.26
N VAL A 90 3.40 -6.73 -1.40
CA VAL A 90 4.53 -5.98 -0.86
C VAL A 90 4.66 -6.32 0.62
N TYR A 91 5.87 -6.69 1.01
CA TYR A 91 6.20 -7.11 2.37
C TYR A 91 6.90 -5.94 3.04
N PHE A 92 6.33 -5.47 4.15
CA PHE A 92 6.88 -4.38 4.93
C PHE A 92 7.39 -4.91 6.26
N CYS A 93 8.61 -4.54 6.64
CA CYS A 93 9.00 -4.70 8.03
C CYS A 93 8.79 -3.36 8.74
N SER A 94 8.73 -3.43 10.07
CA SER A 94 8.54 -2.24 10.88
C SER A 94 8.96 -2.52 12.31
N GLN A 95 9.41 -1.46 12.99
CA GLN A 95 9.87 -1.53 14.37
C GLN A 95 8.96 -0.71 15.26
N SER A 96 8.65 -1.26 16.42
CA SER A 96 7.94 -0.53 17.47
C SER A 96 8.73 -0.53 18.77
N THR A 97 10.06 -0.60 18.67
CA THR A 97 10.89 -0.42 19.86
C THR A 97 11.08 1.06 20.18
N HIS A 98 11.33 1.88 19.17
CA HIS A 98 11.72 3.27 19.36
C HIS A 98 10.68 4.18 18.74
N VAL A 99 10.28 5.19 19.48
CA VAL A 99 9.44 6.26 18.96
C VAL A 99 10.34 7.28 18.26
N PRO A 100 10.01 7.69 17.03
CA PRO A 100 8.80 7.27 16.30
C PRO A 100 8.93 5.89 15.65
N TYR A 101 7.82 5.14 15.63
CA TYR A 101 7.84 3.85 14.98
C TYR A 101 8.00 4.03 13.47
N THR A 102 8.77 3.13 12.85
CA THR A 102 9.14 3.31 11.45
C THR A 102 8.99 1.99 10.69
N PHE A 103 8.84 2.10 9.38
CA PHE A 103 8.68 0.98 8.48
C PHE A 103 9.79 0.99 7.43
N GLY A 104 10.11 -0.17 6.91
CA GLY A 104 10.95 -0.25 5.74
C GLY A 104 10.20 0.16 4.48
N GLY A 105 10.95 0.30 3.39
CA GLY A 105 10.33 0.66 2.12
C GLY A 105 9.61 -0.46 1.40
N GLY A 106 9.67 -1.67 1.93
CA GLY A 106 8.93 -2.72 1.25
C GLY A 106 9.79 -3.49 0.26
N THR A 107 9.51 -4.79 0.19
CA THR A 107 10.00 -5.72 -0.83
C THR A 107 8.77 -6.24 -1.57
N LYS A 108 8.73 -6.04 -2.88
CA LYS A 108 7.59 -6.51 -3.66
C LYS A 108 7.90 -7.89 -4.22
N LEU A 109 7.09 -8.87 -3.82
CA LEU A 109 7.18 -10.24 -4.30
C LEU A 109 6.31 -10.38 -5.55
N GLU A 110 6.94 -10.72 -6.68
CA GLU A 110 6.31 -10.64 -7.99
C GLU A 110 6.59 -11.93 -8.76
N MET A 111 5.85 -12.13 -9.85
CA MET A 111 5.99 -13.32 -10.67
C MET A 111 7.17 -13.19 -11.61
N LYS A 112 8.03 -14.20 -11.64
CA LYS A 112 9.10 -14.25 -12.61
C LYS A 112 8.59 -14.83 -13.93
N ARG A 113 9.16 -14.38 -15.04
CA ARG A 113 8.87 -14.97 -16.34
C ARG A 113 10.04 -14.67 -17.24
N THR A 114 9.92 -15.07 -18.51
CA THR A 114 10.96 -14.74 -19.47
C THR A 114 10.84 -13.27 -19.88
N ASP A 115 11.97 -12.72 -20.35
CA ASP A 115 12.00 -11.36 -20.88
C ASP A 115 10.97 -11.18 -21.99
N ALA A 116 10.38 -9.97 -22.03
CA ALA A 116 9.48 -9.63 -23.13
C ALA A 116 9.69 -8.17 -23.49
N ALA A 117 9.91 -7.92 -24.78
CA ALA A 117 10.14 -6.58 -25.28
C ALA A 117 8.83 -5.81 -25.37
N PRO A 118 8.83 -4.53 -25.00
CA PRO A 118 7.59 -3.75 -25.07
C PRO A 118 7.10 -3.56 -26.50
N THR A 119 5.78 -3.57 -26.65
CA THR A 119 5.14 -3.11 -27.88
C THR A 119 4.92 -1.61 -27.73
N VAL A 120 5.56 -0.82 -28.59
CA VAL A 120 5.53 0.63 -28.48
C VAL A 120 4.63 1.16 -29.58
N SER A 121 3.68 2.01 -29.19
CA SER A 121 2.71 2.63 -30.10
C SER A 121 2.63 4.11 -29.76
N ILE A 122 2.73 4.97 -30.77
CA ILE A 122 2.70 6.43 -30.59
C ILE A 122 1.50 6.99 -31.35
N PHE A 123 0.88 8.02 -30.78
CA PHE A 123 -0.37 8.54 -31.34
C PHE A 123 -0.33 10.06 -31.32
N PRO A 124 -0.65 10.71 -32.42
CA PRO A 124 -0.62 12.15 -32.45
C PRO A 124 -1.88 12.72 -31.83
N PRO A 125 -1.94 14.04 -31.65
CA PRO A 125 -3.18 14.65 -31.15
C PRO A 125 -4.37 14.30 -32.03
N SER A 126 -5.53 14.16 -31.41
CA SER A 126 -6.74 14.08 -32.20
C SER A 126 -7.15 15.49 -32.62
N SER A 127 -7.97 15.56 -33.68
CA SER A 127 -8.46 16.86 -34.11
C SER A 127 -9.42 17.43 -33.09
N GLU A 128 -10.20 16.57 -32.45
CA GLU A 128 -11.02 16.97 -31.31
C GLU A 128 -10.24 17.85 -30.34
N GLN A 129 -9.06 17.35 -29.90
CA GLN A 129 -8.28 18.09 -28.90
C GLN A 129 -7.68 19.35 -29.49
N LEU A 130 -7.19 19.28 -30.73
CA LEU A 130 -6.46 20.42 -31.29
C LEU A 130 -7.35 21.65 -31.41
N THR A 131 -8.65 21.47 -31.63
CA THR A 131 -9.55 22.62 -31.72
C THR A 131 -9.65 23.37 -30.40
N SER A 132 -9.32 22.72 -29.28
CA SER A 132 -9.36 23.36 -27.97
C SER A 132 -8.09 24.14 -27.65
N GLY A 133 -7.06 24.05 -28.49
CA GLY A 133 -5.81 24.71 -28.23
C GLY A 133 -4.72 23.85 -27.64
N GLY A 134 -5.08 22.65 -27.12
CA GLY A 134 -4.11 21.75 -26.54
C GLY A 134 -3.77 20.60 -27.47
N ALA A 135 -2.63 19.96 -27.22
CA ALA A 135 -2.21 18.83 -28.03
C ALA A 135 -1.51 17.82 -27.15
N SER A 136 -1.93 16.56 -27.22
CA SER A 136 -1.28 15.50 -26.46
C SER A 136 -0.82 14.41 -27.41
N VAL A 137 0.46 14.05 -27.34
CA VAL A 137 0.97 12.86 -27.99
C VAL A 137 1.06 11.77 -26.94
N VAL A 138 0.59 10.57 -27.29
CA VAL A 138 0.48 9.46 -26.35
C VAL A 138 1.35 8.33 -26.86
N CYS A 139 2.07 7.71 -25.94
CA CYS A 139 2.88 6.56 -26.23
C CYS A 139 2.52 5.47 -25.24
N PHE A 140 2.09 4.31 -25.75
CA PHE A 140 1.93 3.11 -24.93
C PHE A 140 3.15 2.23 -25.09
N LEU A 141 3.58 1.61 -23.98
CA LEU A 141 4.66 0.62 -23.99
C LEU A 141 4.11 -0.61 -23.26
N ASN A 142 3.65 -1.60 -24.02
CA ASN A 142 2.79 -2.62 -23.44
C ASN A 142 3.46 -3.99 -23.40
N ASN A 143 3.12 -4.73 -22.34
CA ASN A 143 3.40 -6.17 -22.23
C ASN A 143 4.90 -6.46 -22.31
N PHE A 144 5.65 -5.89 -21.35
CA PHE A 144 7.10 -6.05 -21.32
C PHE A 144 7.52 -6.66 -20.00
N TYR A 145 8.71 -7.24 -20.01
CA TYR A 145 9.31 -7.82 -18.82
C TYR A 145 10.82 -7.86 -19.01
N PRO A 146 11.63 -7.47 -18.00
CA PRO A 146 11.26 -7.04 -16.65
C PRO A 146 10.61 -5.65 -16.56
N LYS A 147 10.25 -5.28 -15.33
CA LYS A 147 9.45 -4.09 -15.11
C LYS A 147 10.22 -2.80 -15.32
N ASP A 148 11.55 -2.82 -15.28
CA ASP A 148 12.31 -1.58 -15.36
C ASP A 148 12.32 -1.03 -16.78
N ILE A 149 12.00 0.26 -16.91
CA ILE A 149 11.88 0.85 -18.23
C ILE A 149 12.01 2.36 -18.09
N ASN A 150 12.59 2.98 -19.12
CA ASN A 150 12.74 4.43 -19.15
C ASN A 150 12.22 4.96 -20.47
N VAL A 151 11.53 6.09 -20.40
CA VAL A 151 10.91 6.71 -21.57
C VAL A 151 11.39 8.15 -21.67
N LYS A 152 11.93 8.51 -22.82
CA LYS A 152 12.30 9.88 -23.13
C LYS A 152 11.47 10.35 -24.31
N TRP A 153 11.00 11.59 -24.24
CA TRP A 153 10.33 12.21 -25.37
C TRP A 153 11.32 13.11 -26.10
N LYS A 154 11.20 13.14 -27.42
CA LYS A 154 12.07 13.97 -28.24
C LYS A 154 11.24 14.69 -29.28
N ILE A 155 11.42 16.01 -29.34
CA ILE A 155 10.74 16.87 -30.30
C ILE A 155 11.81 17.41 -31.23
N ASP A 156 11.79 16.95 -32.49
CA ASP A 156 12.80 17.34 -33.48
C ASP A 156 14.20 17.05 -32.97
N GLY A 157 14.33 16.07 -32.08
CA GLY A 157 15.61 15.64 -31.56
C GLY A 157 15.91 16.11 -30.16
N SER A 158 15.30 17.21 -29.73
CA SER A 158 15.61 17.75 -28.41
C SER A 158 14.80 17.03 -27.34
N GLU A 159 15.49 16.52 -26.33
CA GLU A 159 14.81 15.83 -25.22
C GLU A 159 13.93 16.81 -24.46
N ARG A 160 12.74 16.32 -24.14
CA ARG A 160 11.78 17.21 -23.46
C ARG A 160 11.16 16.58 -22.22
N GLN A 161 11.29 17.23 -21.06
CA GLN A 161 10.77 16.65 -19.80
C GLN A 161 9.46 17.32 -19.37
N ASN A 162 9.25 18.58 -19.72
CA ASN A 162 8.05 19.27 -19.20
C ASN A 162 6.80 18.78 -19.95
N GLY A 163 5.68 18.62 -19.26
CA GLY A 163 4.43 18.24 -19.93
C GLY A 163 4.23 16.74 -20.02
N VAL A 164 5.09 15.96 -19.36
CA VAL A 164 5.01 14.49 -19.47
C VAL A 164 4.26 13.88 -18.28
N LEU A 165 3.23 13.08 -18.55
CA LEU A 165 2.51 12.39 -17.49
C LEU A 165 2.62 10.89 -17.74
N ASN A 166 3.08 10.14 -16.73
CA ASN A 166 3.34 8.71 -16.85
C ASN A 166 2.48 7.90 -15.88
N SER A 167 2.11 6.70 -16.30
CA SER A 167 1.30 5.82 -15.48
C SER A 167 1.67 4.38 -15.81
N TRP A 168 1.73 3.54 -14.78
CA TRP A 168 2.21 2.17 -14.86
C TRP A 168 1.13 1.20 -14.40
N THR A 169 0.99 0.07 -15.08
CA THR A 169 0.08 -0.95 -14.59
C THR A 169 0.80 -1.86 -13.61
N ASP A 170 0.02 -2.50 -12.75
CA ASP A 170 0.54 -3.59 -11.96
C ASP A 170 0.83 -4.78 -12.87
N GLN A 171 1.52 -5.76 -12.31
CA GLN A 171 1.88 -6.95 -13.07
C GLN A 171 0.63 -7.65 -13.55
N ASP A 172 0.63 -8.02 -14.83
CA ASP A 172 -0.54 -8.69 -15.45
C ASP A 172 -0.72 -10.07 -14.81
N SER A 173 -1.95 -10.41 -14.48
CA SER A 173 -2.22 -11.67 -13.81
C SER A 173 -2.24 -12.85 -14.76
N LYS A 174 -2.27 -12.62 -16.07
CA LYS A 174 -2.22 -13.71 -17.04
C LYS A 174 -0.82 -13.93 -17.60
N ASP A 175 -0.20 -12.92 -18.20
CA ASP A 175 1.11 -13.14 -18.82
C ASP A 175 2.28 -12.58 -18.01
N SER A 176 2.02 -12.03 -16.83
CA SER A 176 3.06 -11.57 -15.91
C SER A 176 3.88 -10.41 -16.46
N THR A 177 3.40 -9.70 -17.47
CA THR A 177 4.12 -8.56 -18.01
C THR A 177 3.67 -7.27 -17.31
N TYR A 178 4.35 -6.18 -17.63
CA TYR A 178 3.99 -4.83 -17.20
C TYR A 178 3.75 -3.96 -18.43
N SER A 179 3.02 -2.86 -18.24
CA SER A 179 2.78 -1.91 -19.32
C SER A 179 2.91 -0.49 -18.78
N MET A 180 3.05 0.47 -19.70
CA MET A 180 3.28 1.86 -19.36
C MET A 180 2.62 2.79 -20.38
N SER A 181 2.07 3.90 -19.89
CA SER A 181 1.53 4.94 -20.73
C SER A 181 2.22 6.27 -20.42
N SER A 182 2.58 7.00 -21.47
CA SER A 182 3.29 8.26 -21.33
C SER A 182 2.65 9.28 -22.27
N THR A 183 2.25 10.42 -21.71
CA THR A 183 1.52 11.45 -22.45
C THR A 183 2.28 12.76 -22.36
N LEU A 184 2.64 13.31 -23.51
CA LEU A 184 3.29 14.61 -23.61
C LEU A 184 2.26 15.61 -24.10
N THR A 185 2.00 16.64 -23.30
CA THR A 185 0.97 17.61 -23.60
C THR A 185 1.59 18.97 -23.92
N LEU A 186 1.20 19.54 -25.06
CA LEU A 186 1.68 20.82 -25.57
C LEU A 186 0.49 21.73 -25.85
N THR A 187 0.79 22.99 -26.16
CA THR A 187 -0.19 23.83 -26.84
C THR A 187 -0.19 23.50 -28.33
N LYS A 188 -1.36 23.65 -28.96
CA LYS A 188 -1.44 23.53 -30.42
C LYS A 188 -0.39 24.43 -31.07
N ASP A 189 -0.14 25.58 -30.46
CA ASP A 189 0.85 26.55 -30.97
C ASP A 189 2.24 25.89 -31.03
N GLU A 190 2.79 25.52 -29.89
CA GLU A 190 4.10 24.89 -29.91
C GLU A 190 4.08 23.60 -30.73
N TYR A 191 2.97 22.86 -30.71
CA TYR A 191 2.92 21.57 -31.43
C TYR A 191 3.10 21.78 -32.93
N GLU A 192 2.56 22.89 -33.45
CA GLU A 192 2.60 23.11 -34.91
C GLU A 192 3.93 23.77 -35.31
N ARG A 193 4.78 24.07 -34.34
CA ARG A 193 6.09 24.71 -34.61
C ARG A 193 7.18 23.65 -34.71
N HIS A 194 6.80 22.38 -34.79
CA HIS A 194 7.80 21.27 -34.82
C HIS A 194 7.30 20.13 -35.73
N ASN A 195 8.21 19.24 -36.15
CA ASN A 195 7.84 18.17 -37.07
C ASN A 195 7.91 16.79 -36.42
N SER A 196 9.08 16.36 -35.96
CA SER A 196 9.29 14.99 -35.52
C SER A 196 8.97 14.85 -34.04
N TYR A 197 8.06 13.94 -33.71
CA TYR A 197 7.74 13.58 -32.33
C TYR A 197 8.10 12.12 -32.12
N THR A 198 8.84 11.85 -31.05
CA THR A 198 9.41 10.52 -30.90
C THR A 198 9.34 10.07 -29.45
N CYS A 199 8.83 8.86 -29.26
CA CYS A 199 8.82 8.17 -27.98
C CYS A 199 9.94 7.16 -28.00
N GLU A 200 10.86 7.25 -27.02
CA GLU A 200 12.03 6.38 -26.97
C GLU A 200 12.01 5.57 -25.69
N ALA A 201 12.08 4.25 -25.81
CA ALA A 201 12.04 3.32 -24.69
C ALA A 201 13.40 2.67 -24.51
N THR A 202 13.90 2.71 -23.27
CA THR A 202 15.10 1.99 -22.87
C THR A 202 14.70 0.81 -21.98
N HIS A 203 15.01 -0.40 -22.43
CA HIS A 203 14.58 -1.60 -21.74
C HIS A 203 15.65 -2.67 -21.92
N LYS A 204 15.62 -3.67 -21.03
CA LYS A 204 16.62 -4.73 -21.07
C LYS A 204 16.67 -5.43 -22.41
N THR A 205 15.51 -5.65 -23.05
CA THR A 205 15.40 -6.38 -24.32
C THR A 205 16.03 -5.65 -25.50
N SER A 206 16.57 -4.47 -25.49
CA SER A 206 17.32 -3.87 -26.58
C SER A 206 18.42 -2.98 -26.03
N THR A 207 19.62 -3.07 -26.61
CA THR A 207 20.69 -2.21 -26.13
C THR A 207 20.56 -0.78 -26.63
N SER A 208 19.84 -0.57 -27.73
CA SER A 208 19.56 0.79 -28.19
C SER A 208 18.10 1.14 -27.92
N PRO A 209 17.78 2.43 -27.79
CA PRO A 209 16.39 2.81 -27.54
C PRO A 209 15.44 2.19 -28.56
N ILE A 210 14.25 1.85 -28.07
CA ILE A 210 13.15 1.38 -28.90
C ILE A 210 12.32 2.61 -29.26
N VAL A 211 12.24 2.92 -30.56
CA VAL A 211 11.82 4.24 -31.00
C VAL A 211 10.58 4.13 -31.90
N LYS A 212 9.57 4.91 -31.54
CA LYS A 212 8.35 5.10 -32.34
C LYS A 212 8.27 6.59 -32.67
N SER A 213 8.00 6.91 -33.91
CA SER A 213 8.05 8.33 -34.30
C SER A 213 6.85 8.71 -35.14
N PHE A 214 6.57 10.00 -35.17
CA PHE A 214 5.49 10.49 -36.03
C PHE A 214 5.93 11.86 -36.57
N ASN A 215 5.85 12.02 -37.89
CA ASN A 215 6.21 13.29 -38.54
C ASN A 215 4.93 14.03 -38.88
N ARG A 216 4.79 15.26 -38.37
CA ARG A 216 3.59 16.05 -38.71
C ARG A 216 3.57 16.22 -40.23
N ASN A 217 4.77 16.26 -40.83
CA ASN A 217 4.99 16.39 -42.30
C ASN A 217 4.51 17.76 -42.75
N GLN B 1 -16.16 -10.50 15.60
CA GLN B 1 -14.70 -10.44 15.46
C GLN B 1 -14.19 -9.00 15.54
N VAL B 2 -12.87 -8.83 15.46
CA VAL B 2 -12.26 -7.51 15.58
C VAL B 2 -12.44 -6.77 14.26
N GLN B 3 -12.95 -5.55 14.34
CA GLN B 3 -13.19 -4.75 13.14
C GLN B 3 -12.80 -3.30 13.37
N LEU B 4 -12.09 -2.73 12.40
CA LEU B 4 -11.80 -1.29 12.39
C LEU B 4 -12.35 -0.71 11.10
N GLN B 5 -13.43 0.07 11.21
CA GLN B 5 -14.14 0.58 10.06
C GLN B 5 -13.83 2.06 9.92
N GLN B 6 -13.04 2.40 8.90
CA GLN B 6 -12.68 3.79 8.64
C GLN B 6 -13.71 4.46 7.75
N SER B 7 -13.76 5.80 7.86
CA SER B 7 -14.69 6.61 7.09
C SER B 7 -14.29 6.64 5.62
N GLY B 8 -15.23 7.09 4.79
CA GLY B 8 -15.09 7.02 3.34
C GLY B 8 -14.07 8.01 2.80
N ALA B 9 -13.90 7.95 1.48
CA ALA B 9 -12.89 8.75 0.80
C ALA B 9 -13.22 10.23 0.93
N GLU B 10 -12.16 11.05 1.04
CA GLU B 10 -12.33 12.50 1.20
C GLU B 10 -11.72 13.25 0.04
N LEU B 11 -12.43 14.31 -0.37
CA LEU B 11 -11.98 15.29 -1.36
C LEU B 11 -11.92 16.62 -0.65
N VAL B 12 -10.73 17.22 -0.61
CA VAL B 12 -10.43 18.32 0.31
C VAL B 12 -9.79 19.45 -0.48
N ARG B 13 -10.28 20.68 -0.29
CA ARG B 13 -9.65 21.84 -0.92
C ARG B 13 -8.36 22.22 -0.18
N PRO B 14 -7.33 22.65 -0.89
CA PRO B 14 -6.10 23.08 -0.23
C PRO B 14 -6.40 24.13 0.82
N GLY B 15 -5.79 24.01 2.00
CA GLY B 15 -6.04 24.92 3.09
C GLY B 15 -7.20 24.57 4.00
N ALA B 16 -8.14 23.74 3.56
CA ALA B 16 -9.18 23.26 4.46
C ALA B 16 -8.62 22.18 5.40
N SER B 17 -9.43 21.79 6.37
CA SER B 17 -9.15 20.63 7.23
C SER B 17 -10.20 19.56 6.99
N VAL B 18 -9.88 18.33 7.41
CA VAL B 18 -10.81 17.23 7.35
C VAL B 18 -10.55 16.30 8.54
N THR B 19 -11.60 15.63 9.01
CA THR B 19 -11.52 14.73 10.15
C THR B 19 -11.89 13.32 9.70
N LEU B 20 -11.00 12.38 9.92
CA LEU B 20 -11.19 10.98 9.59
C LEU B 20 -11.61 10.22 10.83
N SER B 21 -12.41 9.17 10.63
CA SER B 21 -12.92 8.38 11.74
C SER B 21 -12.53 6.92 11.59
N CYS B 22 -12.43 6.24 12.73
CA CYS B 22 -12.04 4.83 12.80
C CYS B 22 -12.90 4.21 13.90
N LYS B 23 -13.96 3.50 13.50
CA LYS B 23 -14.89 2.91 14.45
C LYS B 23 -14.39 1.52 14.85
N ALA B 24 -14.16 1.32 16.14
CA ALA B 24 -13.64 0.04 16.61
C ALA B 24 -14.76 -0.80 17.19
N SER B 25 -14.75 -2.08 16.85
CA SER B 25 -15.75 -3.00 17.35
C SER B 25 -15.13 -4.39 17.45
N GLY B 26 -15.71 -5.21 18.32
CA GLY B 26 -15.25 -6.57 18.50
C GLY B 26 -14.16 -6.76 19.53
N TYR B 27 -13.84 -5.74 20.31
CA TYR B 27 -12.81 -5.87 21.33
C TYR B 27 -13.02 -4.74 22.32
N THR B 28 -12.30 -4.80 23.43
CA THR B 28 -12.43 -3.76 24.44
C THR B 28 -11.62 -2.55 24.01
N PHE B 29 -12.31 -1.44 23.74
CA PHE B 29 -11.70 -0.30 23.07
C PHE B 29 -10.50 0.23 23.86
N THR B 30 -10.69 0.46 25.17
CA THR B 30 -9.66 1.07 26.03
C THR B 30 -8.47 0.16 26.33
N ASP B 31 -8.45 -1.09 25.84
CA ASP B 31 -7.34 -2.00 26.14
C ASP B 31 -6.18 -1.86 25.17
N TYR B 32 -6.33 -1.10 24.09
CA TYR B 32 -5.32 -1.01 23.06
C TYR B 32 -5.15 0.45 22.69
N GLU B 33 -3.93 0.83 22.35
CA GLU B 33 -3.72 2.11 21.69
C GLU B 33 -4.25 2.05 20.26
N MET B 34 -4.54 3.21 19.72
CA MET B 34 -4.78 3.36 18.30
C MET B 34 -3.64 4.11 17.67
N HIS B 35 -3.08 3.54 16.62
CA HIS B 35 -2.08 4.18 15.78
C HIS B 35 -2.74 4.65 14.50
N TRP B 36 -2.20 5.72 13.94
CA TRP B 36 -2.54 6.18 12.61
C TRP B 36 -1.26 6.20 11.78
N VAL B 37 -1.40 5.83 10.51
CA VAL B 37 -0.28 5.63 9.60
C VAL B 37 -0.67 6.24 8.25
N LYS B 38 0.26 6.95 7.65
CA LYS B 38 0.11 7.51 6.32
C LYS B 38 0.85 6.66 5.30
N GLN B 39 0.25 6.45 4.13
CA GLN B 39 0.90 5.74 3.03
C GLN B 39 0.83 6.56 1.74
N THR B 40 1.98 6.72 1.08
CA THR B 40 2.12 7.36 -0.22
C THR B 40 3.10 6.54 -1.05
N PRO B 41 2.98 6.60 -2.38
CA PRO B 41 4.02 5.94 -3.20
C PRO B 41 5.41 6.51 -2.96
N VAL B 42 5.52 7.83 -2.80
CA VAL B 42 6.84 8.46 -2.69
C VAL B 42 7.46 8.23 -1.32
N HIS B 43 6.70 8.40 -0.25
CA HIS B 43 7.28 8.34 1.08
C HIS B 43 6.97 7.05 1.83
N GLY B 44 6.18 6.14 1.24
CA GLY B 44 5.92 4.86 1.87
C GLY B 44 5.03 4.97 3.11
N LEU B 45 5.28 4.08 4.07
CA LEU B 45 4.52 4.02 5.32
C LEU B 45 5.16 4.90 6.39
N GLU B 46 4.35 5.74 7.02
CA GLU B 46 4.84 6.66 8.03
C GLU B 46 3.89 6.65 9.22
N TRP B 47 4.46 6.39 10.40
CA TRP B 47 3.69 6.41 11.63
C TRP B 47 3.38 7.85 12.01
N ILE B 48 2.10 8.17 12.15
CA ILE B 48 1.67 9.54 12.45
C ILE B 48 1.67 9.79 13.94
N GLY B 49 1.18 8.85 14.72
CA GLY B 49 1.02 9.05 16.14
C GLY B 49 0.21 7.92 16.73
N ALA B 50 0.06 7.99 18.06
CA ALA B 50 -0.68 6.99 18.81
C ALA B 50 -1.56 7.68 19.83
N ILE B 51 -2.66 7.03 20.19
CA ILE B 51 -3.53 7.59 21.22
C ILE B 51 -4.00 6.48 22.16
N ASP B 52 -3.92 6.74 23.45
CA ASP B 52 -4.43 5.84 24.47
C ASP B 52 -5.90 6.14 24.73
N PRO B 53 -6.83 5.28 24.34
CA PRO B 53 -8.25 5.67 24.42
C PRO B 53 -8.78 5.79 25.82
N GLU B 54 -8.09 5.24 26.83
CA GLU B 54 -8.58 5.41 28.20
C GLU B 54 -8.41 6.85 28.67
N THR B 55 -7.37 7.52 28.20
CA THR B 55 -7.05 8.86 28.65
C THR B 55 -7.16 9.92 27.58
N GLY B 56 -7.29 9.53 26.31
CA GLY B 56 -7.26 10.49 25.22
C GLY B 56 -5.92 11.12 24.95
N GLY B 57 -4.88 10.75 25.71
CA GLY B 57 -3.56 11.31 25.54
C GLY B 57 -2.93 10.84 24.25
N PRO B 58 -2.48 11.78 23.44
CA PRO B 58 -1.80 11.39 22.20
C PRO B 58 -0.30 11.50 22.31
N ALA B 59 0.40 10.83 21.40
CA ALA B 59 1.84 10.98 21.19
C ALA B 59 2.06 11.06 19.69
N TYR B 60 2.91 11.97 19.24
CA TYR B 60 3.00 12.29 17.83
C TYR B 60 4.41 12.06 17.30
N ASN B 61 4.48 11.53 16.09
CA ASN B 61 5.68 11.68 15.27
C ASN B 61 5.94 13.17 15.04
N GLN B 62 7.18 13.59 15.30
CA GLN B 62 7.49 15.00 15.17
C GLN B 62 7.14 15.54 13.79
N LYS B 63 7.20 14.69 12.76
CA LYS B 63 6.89 15.12 11.41
C LYS B 63 5.45 15.58 11.25
N PHE B 64 4.56 15.15 12.13
CA PHE B 64 3.14 15.40 11.95
C PHE B 64 2.57 16.27 13.05
N LYS B 65 3.39 16.72 14.01
CA LYS B 65 2.94 17.70 14.99
C LYS B 65 2.37 18.91 14.29
N GLY B 66 1.18 19.32 14.69
CA GLY B 66 0.51 20.43 14.04
C GLY B 66 -0.24 20.08 12.77
N LYS B 67 0.11 19.00 12.08
CA LYS B 67 -0.65 18.57 10.91
C LYS B 67 -1.80 17.65 11.28
N ALA B 68 -1.64 16.82 12.31
CA ALA B 68 -2.65 15.85 12.71
C ALA B 68 -3.04 16.03 14.18
N ILE B 69 -4.30 15.75 14.48
CA ILE B 69 -4.82 15.85 15.84
C ILE B 69 -5.64 14.61 16.13
N LEU B 70 -5.18 13.80 17.07
CA LEU B 70 -5.85 12.54 17.43
C LEU B 70 -6.73 12.75 18.65
N THR B 71 -7.99 12.35 18.55
CA THR B 71 -8.89 12.25 19.68
C THR B 71 -9.52 10.86 19.68
N THR B 72 -10.14 10.56 20.82
CA THR B 72 -10.88 9.29 20.94
C THR B 72 -12.19 9.60 21.66
N ASP B 73 -13.24 8.85 21.39
CA ASP B 73 -14.50 8.95 22.11
C ASP B 73 -14.88 7.56 22.61
N LYS B 74 -14.93 7.40 23.94
CA LYS B 74 -15.17 6.09 24.54
C LYS B 74 -16.57 5.58 24.24
N SER B 75 -17.59 6.43 24.38
CA SER B 75 -18.97 5.99 24.25
C SER B 75 -19.25 5.39 22.88
N SER B 76 -18.61 5.91 21.84
CA SER B 76 -18.83 5.40 20.49
C SER B 76 -17.71 4.49 20.01
N THR B 77 -16.71 4.23 20.85
CA THR B 77 -15.52 3.45 20.50
C THR B 77 -14.97 3.84 19.12
N THR B 78 -14.72 5.14 18.94
CA THR B 78 -14.25 5.68 17.68
C THR B 78 -13.02 6.53 17.93
N ALA B 79 -12.00 6.34 17.11
CA ALA B 79 -10.83 7.22 17.08
C ALA B 79 -10.96 8.18 15.91
N TYR B 80 -10.52 9.41 16.11
CA TYR B 80 -10.58 10.43 15.07
C TYR B 80 -9.18 10.97 14.81
N MET B 81 -8.92 11.28 13.54
CA MET B 81 -7.75 12.04 13.17
C MET B 81 -8.20 13.23 12.36
N GLU B 82 -7.91 14.41 12.86
CA GLU B 82 -8.13 15.63 12.11
C GLU B 82 -6.83 16.05 11.43
N LEU B 83 -6.90 16.24 10.12
CA LEU B 83 -5.74 16.78 9.37
C LEU B 83 -6.00 18.27 9.11
N ARG B 84 -5.03 19.13 9.37
CA ARG B 84 -5.23 20.60 9.30
C ARG B 84 -4.55 21.26 8.11
N SER B 85 -5.14 22.34 7.56
CA SER B 85 -4.57 23.11 6.42
C SER B 85 -3.91 22.19 5.38
N LEU B 86 -4.72 21.44 4.63
CA LEU B 86 -4.16 20.38 3.74
C LEU B 86 -3.46 20.92 2.49
N THR B 87 -2.29 20.36 2.13
CA THR B 87 -1.59 20.71 0.88
C THR B 87 -1.58 19.46 0.01
N SER B 88 -1.03 19.55 -1.19
CA SER B 88 -0.92 18.37 -2.04
C SER B 88 -0.08 17.27 -1.39
N GLU B 89 0.81 17.61 -0.46
CA GLU B 89 1.58 16.59 0.25
C GLU B 89 0.72 15.75 1.18
N ASP B 90 -0.49 16.19 1.49
CA ASP B 90 -1.36 15.46 2.40
C ASP B 90 -2.26 14.45 1.68
N SER B 91 -2.25 14.45 0.36
CA SER B 91 -2.97 13.44 -0.41
C SER B 91 -2.33 12.07 -0.16
N ALA B 92 -3.13 11.11 0.32
CA ALA B 92 -2.57 9.85 0.78
C ALA B 92 -3.71 8.91 1.11
N VAL B 93 -3.36 7.67 1.44
CA VAL B 93 -4.26 6.75 2.14
C VAL B 93 -3.84 6.76 3.59
N TYR B 94 -4.82 6.90 4.50
CA TYR B 94 -4.57 6.95 5.93
C TYR B 94 -5.22 5.75 6.60
N TYR B 95 -4.43 5.03 7.40
CA TYR B 95 -4.89 3.85 8.13
C TYR B 95 -4.91 4.13 9.64
N CYS B 96 -5.92 3.58 10.31
CA CYS B 96 -5.86 3.41 11.75
C CYS B 96 -5.54 1.95 12.04
N ALA B 97 -4.99 1.67 13.21
CA ALA B 97 -4.58 0.31 13.56
C ALA B 97 -4.61 0.12 15.06
N ARG B 98 -4.99 -1.09 15.48
CA ARG B 98 -5.07 -1.44 16.89
C ARG B 98 -3.71 -1.97 17.35
N TYR B 99 -3.17 -1.30 18.37
CA TYR B 99 -1.80 -1.63 18.81
C TYR B 99 -1.66 -2.06 20.27
N TYR B 100 -0.93 -3.14 20.50
CA TYR B 100 -0.52 -3.56 21.85
C TYR B 100 0.81 -4.28 21.61
N TYR B 101 1.92 -3.53 21.56
CA TYR B 101 3.28 -4.07 21.27
C TYR B 101 3.40 -4.39 19.77
N VAL B 102 2.29 -4.73 19.11
CA VAL B 102 2.27 -4.94 17.64
C VAL B 102 0.89 -4.52 17.15
N SER B 103 0.82 -3.96 15.94
CA SER B 103 -0.47 -3.61 15.33
C SER B 103 -0.99 -4.85 14.63
N SER B 104 -1.88 -5.56 15.31
CA SER B 104 -2.39 -6.83 14.81
C SER B 104 -3.52 -6.65 13.82
N TYR B 105 -4.27 -5.56 13.91
CA TYR B 105 -5.39 -5.33 13.02
C TYR B 105 -5.34 -3.89 12.52
N TRP B 106 -5.63 -3.69 11.24
CA TRP B 106 -5.67 -2.38 10.60
C TRP B 106 -7.05 -2.10 10.03
N GLY B 107 -7.41 -0.83 9.94
CA GLY B 107 -8.60 -0.44 9.21
C GLY B 107 -8.39 -0.66 7.73
N GLN B 108 -9.46 -0.44 6.95
CA GLN B 108 -9.34 -0.64 5.52
C GLN B 108 -8.67 0.52 4.82
N GLY B 109 -8.43 1.63 5.51
CA GLY B 109 -7.77 2.81 4.95
C GLY B 109 -8.77 3.82 4.44
N THR B 110 -8.36 5.10 4.47
CA THR B 110 -9.16 6.22 3.99
C THR B 110 -8.34 7.00 2.96
N SER B 111 -8.87 7.10 1.75
CA SER B 111 -8.28 7.93 0.70
C SER B 111 -8.59 9.40 0.95
N VAL B 112 -7.54 10.23 0.96
CA VAL B 112 -7.68 11.69 1.02
C VAL B 112 -7.03 12.27 -0.23
N THR B 113 -7.80 13.02 -1.01
CA THR B 113 -7.31 13.69 -2.21
C THR B 113 -7.47 15.19 -2.04
N VAL B 114 -6.36 15.91 -2.15
CA VAL B 114 -6.38 17.36 -2.00
C VAL B 114 -6.39 17.98 -3.38
N SER B 115 -7.42 18.77 -3.67
CA SER B 115 -7.54 19.40 -4.97
C SER B 115 -8.52 20.56 -4.84
N SER B 116 -8.26 21.61 -5.60
CA SER B 116 -9.15 22.76 -5.63
C SER B 116 -10.29 22.60 -6.63
N ALA B 117 -10.33 21.49 -7.37
CA ALA B 117 -11.34 21.32 -8.42
C ALA B 117 -12.72 21.00 -7.83
N SER B 118 -13.76 21.42 -8.54
CA SER B 118 -15.10 20.88 -8.39
C SER B 118 -15.31 19.73 -9.37
N THR B 119 -16.46 19.07 -9.25
CA THR B 119 -16.80 18.00 -10.18
C THR B 119 -16.71 18.52 -11.62
N LYS B 120 -16.02 17.78 -12.47
CA LYS B 120 -15.68 18.20 -13.83
C LYS B 120 -15.62 17.00 -14.76
N PRO B 121 -16.39 16.99 -15.86
CA PRO B 121 -16.37 15.84 -16.77
C PRO B 121 -15.06 15.78 -17.53
N PRO B 122 -14.68 14.60 -17.99
CA PRO B 122 -13.46 14.49 -18.80
C PRO B 122 -13.72 14.89 -20.24
N SER B 123 -12.64 15.26 -20.92
CA SER B 123 -12.62 15.25 -22.38
C SER B 123 -12.08 13.90 -22.82
N VAL B 124 -12.70 13.32 -23.85
CA VAL B 124 -12.36 11.97 -24.30
C VAL B 124 -11.88 12.06 -25.74
N TYR B 125 -10.62 11.69 -25.97
CA TYR B 125 -9.98 11.83 -27.25
C TYR B 125 -9.58 10.48 -27.81
N PRO B 126 -9.88 10.20 -29.07
CA PRO B 126 -9.45 8.93 -29.67
C PRO B 126 -7.95 8.95 -29.94
N LEU B 127 -7.35 7.77 -29.89
CA LEU B 127 -5.96 7.56 -30.29
C LEU B 127 -5.98 6.58 -31.45
N ALA B 128 -5.68 7.07 -32.66
CA ALA B 128 -5.70 6.21 -33.82
C ALA B 128 -4.34 6.18 -34.50
N PRO B 129 -3.92 5.03 -35.03
CA PRO B 129 -2.60 4.95 -35.69
C PRO B 129 -2.44 5.95 -36.82
N GLY B 130 -1.20 6.43 -36.98
CA GLY B 130 -0.88 7.28 -38.11
C GLY B 130 -0.72 6.55 -39.43
N SER B 131 -0.30 5.29 -39.37
CA SER B 131 -0.06 4.50 -40.58
C SER B 131 -0.96 3.27 -40.57
N ALA B 132 -1.27 2.76 -41.76
CA ALA B 132 -2.06 1.54 -41.86
C ALA B 132 -1.27 0.32 -41.40
N ALA B 133 -1.98 -0.66 -40.87
CA ALA B 133 -1.31 -1.83 -40.34
C ALA B 133 -1.07 -2.86 -41.44
N GLN B 134 0.04 -3.58 -41.31
CA GLN B 134 0.36 -4.65 -42.24
C GLN B 134 -0.57 -5.85 -42.02
N THR B 135 -0.61 -6.72 -43.04
CA THR B 135 -1.41 -7.93 -42.97
C THR B 135 -1.02 -8.79 -41.77
N ASN B 136 -2.02 -9.51 -41.23
CA ASN B 136 -1.85 -10.43 -40.09
C ASN B 136 -0.91 -9.86 -39.03
N SER B 137 -1.24 -8.64 -38.56
CA SER B 137 -0.50 -7.97 -37.51
C SER B 137 -1.48 -7.48 -36.45
N MET B 138 -0.94 -7.02 -35.33
CA MET B 138 -1.74 -6.46 -34.24
C MET B 138 -1.79 -4.94 -34.39
N VAL B 139 -2.95 -4.37 -34.08
CA VAL B 139 -3.17 -2.92 -34.12
C VAL B 139 -3.52 -2.46 -32.72
N THR B 140 -2.87 -1.42 -32.25
CA THR B 140 -3.15 -0.86 -30.94
C THR B 140 -3.87 0.48 -31.11
N LEU B 141 -5.05 0.59 -30.49
CA LEU B 141 -5.87 1.79 -30.44
C LEU B 141 -5.97 2.26 -29.00
N GLY B 142 -6.55 3.44 -28.80
CA GLY B 142 -6.60 3.96 -27.44
C GLY B 142 -7.54 5.14 -27.30
N CYS B 143 -7.77 5.51 -26.04
CA CYS B 143 -8.58 6.66 -25.68
C CYS B 143 -7.86 7.41 -24.58
N LEU B 144 -7.76 8.72 -24.72
CA LEU B 144 -7.19 9.60 -23.72
C LEU B 144 -8.34 10.29 -22.99
N VAL B 145 -8.37 10.16 -21.67
CA VAL B 145 -9.47 10.66 -20.85
C VAL B 145 -8.88 11.69 -19.90
N LYS B 146 -9.03 12.98 -20.19
CA LYS B 146 -8.23 13.96 -19.48
C LYS B 146 -9.07 15.12 -18.97
N GLY B 147 -8.58 15.72 -17.90
CA GLY B 147 -9.20 16.91 -17.32
C GLY B 147 -10.43 16.70 -16.49
N TYR B 148 -10.49 15.62 -15.70
CA TYR B 148 -11.71 15.31 -14.95
C TYR B 148 -11.43 15.33 -13.45
N PHE B 149 -12.52 15.34 -12.67
CA PHE B 149 -12.43 15.26 -11.22
C PHE B 149 -13.82 14.94 -10.69
N PRO B 150 -13.95 14.09 -9.66
CA PRO B 150 -12.93 13.24 -9.08
C PRO B 150 -12.91 11.85 -9.70
N GLU B 151 -12.03 10.98 -9.21
CA GLU B 151 -12.12 9.57 -9.52
C GLU B 151 -13.40 8.99 -8.94
N PRO B 152 -13.97 7.94 -9.54
CA PRO B 152 -13.43 7.25 -10.72
C PRO B 152 -14.09 7.62 -12.06
N VAL B 153 -13.33 7.48 -13.16
CA VAL B 153 -13.91 7.24 -14.48
C VAL B 153 -13.81 5.75 -14.72
N THR B 154 -14.71 5.22 -15.53
CA THR B 154 -14.56 3.86 -16.01
C THR B 154 -14.38 3.88 -17.53
N VAL B 155 -13.62 2.91 -18.05
CA VAL B 155 -13.43 2.76 -19.48
C VAL B 155 -13.67 1.31 -19.83
N THR B 156 -14.46 1.08 -20.88
CA THR B 156 -14.62 -0.22 -21.52
C THR B 156 -14.46 -0.04 -23.03
N TRP B 157 -14.32 -1.15 -23.74
CA TRP B 157 -14.20 -1.15 -25.18
C TRP B 157 -15.30 -2.04 -25.76
N ASN B 158 -16.06 -1.50 -26.71
CA ASN B 158 -17.22 -2.19 -27.29
C ASN B 158 -18.13 -2.72 -26.19
N SER B 159 -18.40 -1.85 -25.21
CA SER B 159 -19.26 -2.15 -24.06
C SER B 159 -18.80 -3.41 -23.32
N GLY B 160 -17.49 -3.59 -23.23
CA GLY B 160 -16.93 -4.74 -22.52
C GLY B 160 -16.82 -6.01 -23.35
N SER B 161 -17.16 -5.98 -24.63
CA SER B 161 -16.96 -7.17 -25.45
C SER B 161 -15.50 -7.31 -25.86
N LEU B 162 -14.75 -6.21 -25.90
CA LEU B 162 -13.31 -6.24 -26.08
C LEU B 162 -12.71 -6.16 -24.68
N SER B 163 -12.28 -7.30 -24.14
CA SER B 163 -11.66 -7.34 -22.83
C SER B 163 -10.20 -7.79 -22.86
N SER B 164 -9.86 -8.80 -23.66
CA SER B 164 -8.48 -9.19 -23.74
C SER B 164 -7.72 -8.20 -24.61
N GLY B 165 -6.45 -8.00 -24.28
CA GLY B 165 -5.70 -7.01 -25.02
C GLY B 165 -5.97 -5.57 -24.65
N VAL B 166 -6.65 -5.33 -23.52
CA VAL B 166 -6.93 -4.00 -23.02
C VAL B 166 -5.98 -3.69 -21.87
N HIS B 167 -5.45 -2.46 -21.85
CA HIS B 167 -4.72 -1.94 -20.70
C HIS B 167 -5.30 -0.58 -20.33
N THR B 168 -5.97 -0.50 -19.18
CA THR B 168 -6.39 0.78 -18.65
C THR B 168 -5.37 1.22 -17.60
N PHE B 169 -4.80 2.40 -17.78
CA PHE B 169 -3.74 2.82 -16.88
C PHE B 169 -4.30 3.66 -15.73
N PRO B 170 -3.81 3.44 -14.51
CA PRO B 170 -4.35 4.17 -13.35
C PRO B 170 -4.28 5.68 -13.54
N ALA B 171 -5.32 6.37 -13.06
CA ALA B 171 -5.40 7.81 -13.19
C ALA B 171 -4.28 8.50 -12.43
N VAL B 172 -3.85 9.63 -12.97
CA VAL B 172 -2.81 10.47 -12.38
C VAL B 172 -3.40 11.86 -12.17
N LEU B 173 -3.29 12.35 -10.94
CA LEU B 173 -3.75 13.71 -10.64
C LEU B 173 -2.63 14.70 -10.96
N GLN B 174 -2.90 15.67 -11.81
CA GLN B 174 -1.93 16.73 -12.02
C GLN B 174 -2.66 18.06 -12.15
N SER B 175 -2.16 19.09 -11.46
CA SER B 175 -2.78 20.42 -11.43
C SER B 175 -4.29 20.32 -11.18
N ASP B 176 -4.64 19.56 -10.14
CA ASP B 176 -5.96 19.42 -9.56
C ASP B 176 -6.89 18.53 -10.38
N LEU B 177 -6.48 18.03 -11.54
CA LEU B 177 -7.37 17.26 -12.40
C LEU B 177 -6.73 15.93 -12.76
N TYR B 178 -7.58 14.93 -13.01
CA TYR B 178 -7.09 13.60 -13.33
C TYR B 178 -6.92 13.44 -14.84
N THR B 179 -5.95 12.62 -15.21
CA THR B 179 -5.80 12.15 -16.56
C THR B 179 -5.62 10.64 -16.54
N LEU B 180 -6.30 9.96 -17.46
CA LEU B 180 -6.23 8.52 -17.58
C LEU B 180 -6.18 8.17 -19.06
N SER B 181 -5.58 7.02 -19.38
CA SER B 181 -5.54 6.51 -20.74
C SER B 181 -5.78 5.01 -20.74
N SER B 182 -6.21 4.50 -21.89
CA SER B 182 -6.56 3.10 -22.04
C SER B 182 -6.23 2.68 -23.46
N SER B 183 -5.62 1.50 -23.60
CA SER B 183 -5.26 0.97 -24.91
C SER B 183 -5.95 -0.37 -25.12
N VAL B 184 -6.22 -0.71 -26.38
CA VAL B 184 -6.72 -2.03 -26.75
C VAL B 184 -5.97 -2.47 -28.02
N THR B 185 -5.71 -3.77 -28.11
CA THR B 185 -4.91 -4.33 -29.20
C THR B 185 -5.71 -5.44 -29.85
N VAL B 186 -5.93 -5.32 -31.15
CA VAL B 186 -6.74 -6.26 -31.92
C VAL B 186 -6.02 -6.60 -33.22
N PRO B 187 -6.34 -7.75 -33.83
CA PRO B 187 -5.79 -8.08 -35.14
C PRO B 187 -6.20 -7.05 -36.19
N SER B 188 -5.29 -6.83 -37.14
CA SER B 188 -5.57 -5.90 -38.23
C SER B 188 -6.76 -6.34 -39.07
N SER B 189 -7.14 -7.61 -39.02
CA SER B 189 -8.31 -8.11 -39.72
C SER B 189 -9.63 -7.75 -39.03
N THR B 190 -9.58 -7.21 -37.82
CA THR B 190 -10.79 -6.83 -37.11
C THR B 190 -11.03 -5.32 -37.08
N TRP B 191 -9.98 -4.50 -37.18
CA TRP B 191 -10.12 -3.06 -37.24
C TRP B 191 -9.25 -2.56 -38.39
N PRO B 192 -9.75 -1.61 -39.21
CA PRO B 192 -11.00 -0.87 -39.06
C PRO B 192 -12.25 -1.49 -39.72
N SER B 193 -12.18 -2.73 -40.18
CA SER B 193 -13.35 -3.32 -40.81
C SER B 193 -14.50 -3.52 -39.81
N GLU B 194 -14.21 -3.77 -38.53
CA GLU B 194 -15.24 -3.78 -37.51
C GLU B 194 -15.01 -2.60 -36.57
N THR B 195 -16.10 -2.12 -35.96
CA THR B 195 -16.04 -0.90 -35.16
C THR B 195 -15.39 -1.16 -33.81
N VAL B 196 -14.56 -0.22 -33.37
CA VAL B 196 -13.96 -0.25 -32.05
C VAL B 196 -14.26 1.07 -31.37
N THR B 197 -14.83 1.00 -30.18
CA THR B 197 -15.29 2.18 -29.48
C THR B 197 -14.92 2.05 -28.00
N CYS B 198 -14.30 3.09 -27.45
CA CYS B 198 -14.13 3.14 -26.01
C CYS B 198 -15.32 3.87 -25.37
N ASN B 199 -15.81 3.29 -24.29
CA ASN B 199 -16.95 3.84 -23.58
C ASN B 199 -16.46 4.36 -22.23
N VAL B 200 -16.63 5.66 -22.01
CA VAL B 200 -16.13 6.36 -20.84
C VAL B 200 -17.32 6.82 -20.02
N ALA B 201 -17.32 6.47 -18.73
CA ALA B 201 -18.33 6.97 -17.79
C ALA B 201 -17.66 7.66 -16.63
N HIS B 202 -18.23 8.80 -16.24
CA HIS B 202 -17.82 9.54 -15.04
C HIS B 202 -19.04 9.76 -14.16
N PRO B 203 -19.31 8.83 -13.25
CA PRO B 203 -20.58 8.89 -12.47
C PRO B 203 -20.73 10.15 -11.64
N ALA B 204 -19.64 10.77 -11.19
CA ALA B 204 -19.74 11.98 -10.38
C ALA B 204 -20.40 13.11 -11.16
N SER B 205 -20.19 13.18 -12.47
CA SER B 205 -20.83 14.20 -13.29
C SER B 205 -21.96 13.64 -14.13
N SER B 206 -22.34 12.38 -13.91
CA SER B 206 -23.36 11.72 -14.73
C SER B 206 -23.04 11.86 -16.22
N THR B 207 -21.80 11.59 -16.58
CA THR B 207 -21.33 11.69 -17.96
C THR B 207 -21.04 10.30 -18.52
N LYS B 208 -21.54 10.05 -19.73
CA LYS B 208 -21.27 8.81 -20.46
C LYS B 208 -20.95 9.18 -21.90
N VAL B 209 -19.78 8.75 -22.37
CA VAL B 209 -19.24 9.15 -23.66
C VAL B 209 -18.80 7.89 -24.40
N ASP B 210 -19.19 7.78 -25.66
CA ASP B 210 -18.68 6.75 -26.57
C ASP B 210 -17.82 7.42 -27.63
N LYS B 211 -16.62 6.92 -27.81
CA LYS B 211 -15.70 7.47 -28.81
C LYS B 211 -15.29 6.36 -29.76
N LYS B 212 -15.90 6.34 -30.93
CA LYS B 212 -15.46 5.43 -31.99
C LYS B 212 -14.06 5.81 -32.45
N ILE B 213 -13.20 4.81 -32.62
CA ILE B 213 -11.87 5.04 -33.17
C ILE B 213 -11.94 4.84 -34.69
N VAL B 214 -11.80 5.94 -35.43
CA VAL B 214 -11.85 5.90 -36.89
C VAL B 214 -10.45 6.08 -37.45
N PRO B 215 -10.11 5.42 -38.56
CA PRO B 215 -8.78 5.58 -39.14
C PRO B 215 -8.52 7.02 -39.57
N ARG B 216 -7.27 7.45 -39.41
CA ARG B 216 -6.89 8.80 -39.81
C ARG B 216 -6.71 8.86 -41.32
N ASP B 217 -6.95 10.07 -41.88
CA ASP B 217 -6.74 10.29 -43.31
C ASP B 217 -5.59 11.28 -43.58
N LYS C 1 -12.73 -18.46 39.24
CA LYS C 1 -13.75 -17.42 39.19
C LYS C 1 -14.09 -17.06 37.74
N VAL C 2 -13.44 -17.73 36.79
CA VAL C 2 -13.76 -17.49 35.39
C VAL C 2 -15.13 -18.07 35.07
N THR C 3 -16.03 -17.25 34.54
CA THR C 3 -17.39 -17.65 34.21
C THR C 3 -17.66 -17.36 32.73
N VAL C 4 -18.91 -17.61 32.32
CA VAL C 4 -19.33 -17.25 30.98
C VAL C 4 -19.35 -15.74 30.79
N ASP C 5 -19.45 -14.98 31.87
CA ASP C 5 -19.54 -13.53 31.80
C ASP C 5 -18.22 -12.84 32.11
N THR C 6 -17.16 -13.61 32.37
CA THR C 6 -15.83 -13.02 32.48
C THR C 6 -15.42 -12.44 31.14
N VAL C 7 -14.82 -11.26 31.17
CA VAL C 7 -14.31 -10.59 29.98
C VAL C 7 -12.78 -10.72 30.02
N CYS C 8 -12.22 -11.50 29.10
CA CYS C 8 -10.78 -11.75 29.13
C CYS C 8 -10.05 -10.57 28.48
N LYS C 9 -9.23 -9.88 29.26
CA LYS C 9 -8.48 -8.74 28.74
C LYS C 9 -7.32 -9.22 27.86
N ARG C 10 -7.34 -8.82 26.58
CA ARG C 10 -6.36 -9.27 25.57
C ARG C 10 -6.25 -10.79 25.54
N GLY C 11 -7.38 -11.46 25.73
CA GLY C 11 -7.48 -12.90 25.67
C GLY C 11 -8.90 -13.36 25.34
N PHE C 12 -9.19 -14.64 25.54
CA PHE C 12 -10.52 -15.15 25.22
C PHE C 12 -10.80 -16.38 26.07
N LEU C 13 -12.08 -16.63 26.29
CA LEU C 13 -12.50 -17.81 27.03
C LEU C 13 -12.35 -19.07 26.20
N ILE C 14 -11.83 -20.13 26.82
CA ILE C 14 -11.69 -21.43 26.18
C ILE C 14 -11.77 -22.49 27.27
N GLN C 15 -12.34 -23.63 26.91
CA GLN C 15 -12.38 -24.76 27.82
C GLN C 15 -11.06 -25.50 27.73
N MET C 16 -10.26 -25.38 28.78
CA MET C 16 -8.97 -26.11 28.84
C MET C 16 -9.10 -27.10 29.99
N SER C 17 -8.76 -28.36 29.74
CA SER C 17 -8.93 -29.43 30.76
C SER C 17 -10.39 -29.49 31.18
N GLY C 18 -10.71 -29.08 32.40
CA GLY C 18 -12.09 -29.23 32.88
C GLY C 18 -13.01 -28.04 32.66
N HIS C 19 -12.56 -26.81 32.89
CA HIS C 19 -13.52 -25.67 32.84
C HIS C 19 -13.03 -24.46 32.07
N LEU C 20 -13.69 -23.32 32.26
CA LEU C 20 -13.39 -22.16 31.44
C LEU C 20 -12.12 -21.48 31.93
N GLU C 21 -11.33 -20.98 30.98
CA GLU C 21 -10.11 -20.24 31.26
C GLU C 21 -10.02 -19.07 30.30
N CYS C 22 -9.29 -18.04 30.68
CA CYS C 22 -8.88 -17.01 29.74
C CYS C 22 -7.56 -17.45 29.11
N LYS C 23 -7.53 -17.57 27.81
CA LYS C 23 -6.30 -17.83 27.07
C LYS C 23 -5.88 -16.53 26.39
N CYS C 24 -4.58 -16.24 26.46
CA CYS C 24 -4.04 -14.98 25.97
C CYS C 24 -3.93 -14.97 24.45
N GLU C 25 -4.19 -13.81 23.84
CA GLU C 25 -3.87 -13.66 22.43
C GLU C 25 -2.35 -13.49 22.24
N ASN C 26 -1.91 -13.69 21.00
CA ASN C 26 -0.49 -13.52 20.62
C ASN C 26 0.39 -14.30 21.61
N ASP C 27 1.41 -13.67 22.17
CA ASP C 27 2.30 -14.27 23.14
C ASP C 27 2.16 -13.62 24.52
N LEU C 28 0.97 -13.10 24.84
CA LEU C 28 0.82 -12.43 26.13
C LEU C 28 0.74 -13.46 27.27
N VAL C 29 0.93 -12.99 28.50
CA VAL C 29 0.94 -13.87 29.66
C VAL C 29 -0.14 -13.42 30.61
N LEU C 30 -0.54 -14.33 31.49
CA LEU C 30 -1.58 -14.06 32.46
C LEU C 30 -0.98 -13.31 33.65
N VAL C 31 -1.50 -12.12 33.95
CA VAL C 31 -1.17 -11.45 35.20
C VAL C 31 -2.22 -11.70 36.27
N ASN C 32 -3.44 -12.06 35.87
CA ASN C 32 -4.43 -12.65 36.77
C ASN C 32 -5.34 -13.52 35.91
N GLU C 33 -6.36 -14.10 36.55
CA GLU C 33 -7.35 -14.95 35.91
C GLU C 33 -7.89 -14.40 34.59
N GLU C 34 -8.01 -13.08 34.46
CA GLU C 34 -8.72 -12.51 33.33
C GLU C 34 -7.95 -11.36 32.68
N THR C 35 -6.63 -11.32 32.82
CA THR C 35 -5.86 -10.20 32.31
C THR C 35 -4.60 -10.72 31.64
N CYS C 36 -4.42 -10.39 30.36
CA CYS C 36 -3.24 -10.79 29.59
C CYS C 36 -2.43 -9.55 29.24
N GLU C 37 -1.12 -9.59 29.51
CA GLU C 37 -0.22 -8.46 29.27
C GLU C 37 1.09 -8.97 28.69
N GLU C 38 1.98 -8.03 28.38
CA GLU C 38 3.24 -8.34 27.71
C GLU C 38 4.24 -8.94 28.68
N LYS C 39 4.94 -9.98 28.22
CA LYS C 39 5.92 -10.70 29.05
C LYS C 39 7.31 -10.10 28.80
N VAL C 40 7.86 -9.43 29.81
CA VAL C 40 9.24 -8.99 29.72
C VAL C 40 10.16 -10.20 29.82
N LEU C 41 11.33 -10.08 29.22
CA LEU C 41 12.30 -11.16 29.22
C LEU C 41 13.46 -10.93 30.19
N LYS C 42 13.59 -9.75 30.76
CA LYS C 42 14.62 -9.43 31.74
C LYS C 42 13.95 -8.89 33.00
N CYS C 43 14.42 -9.36 34.15
CA CYS C 43 14.03 -8.78 35.43
C CYS C 43 15.17 -7.90 35.90
N ASP C 44 14.98 -6.59 35.83
CA ASP C 44 15.93 -5.62 36.36
C ASP C 44 15.14 -4.40 36.79
N GLU C 45 15.83 -3.27 36.99
CA GLU C 45 15.17 -2.06 37.44
C GLU C 45 14.15 -1.56 36.42
N LYS C 46 14.46 -1.72 35.12
CA LYS C 46 13.57 -1.22 34.09
C LYS C 46 12.30 -2.03 33.94
N THR C 47 12.25 -3.22 34.48
CA THR C 47 11.04 -4.04 34.42
C THR C 47 10.48 -4.36 35.80
N VAL C 48 10.67 -3.74 36.87
CA VAL C 48 10.12 -4.11 38.17
C VAL C 48 8.61 -4.05 38.13
N ASN C 49 7.97 -5.06 38.73
CA ASN C 49 6.52 -5.25 38.80
C ASN C 49 5.91 -5.56 37.44
N LYS C 50 6.70 -5.80 36.43
CA LYS C 50 6.11 -6.17 35.16
C LYS C 50 5.94 -7.69 35.05
N PRO C 51 4.99 -8.16 34.25
CA PRO C 51 4.83 -9.61 34.08
C PRO C 51 6.05 -10.23 33.44
N CYS C 52 6.54 -11.33 34.01
CA CYS C 52 7.62 -12.11 33.41
C CYS C 52 7.16 -13.54 33.11
N GLY C 53 5.85 -13.80 33.14
CA GLY C 53 5.33 -15.11 32.82
C GLY C 53 3.93 -15.21 33.36
N ASP C 54 3.26 -16.30 33.01
CA ASP C 54 1.94 -16.55 33.57
C ASP C 54 2.02 -16.47 35.09
N PHE C 55 1.22 -15.60 35.68
CA PHE C 55 1.14 -15.43 37.15
C PHE C 55 2.52 -15.20 37.80
N SER C 56 3.40 -14.49 37.11
CA SER C 56 4.75 -14.19 37.65
C SER C 56 5.14 -12.76 37.33
N LYS C 57 5.81 -12.08 38.26
CA LYS C 57 6.20 -10.66 38.08
C LYS C 57 7.65 -10.45 38.51
N CYS C 58 8.34 -9.50 37.89
CA CYS C 58 9.71 -9.16 38.32
C CYS C 58 9.64 -8.48 39.70
N ILE C 59 10.38 -8.99 40.67
CA ILE C 59 10.42 -8.38 41.98
C ILE C 59 11.86 -7.94 42.29
N LYS C 60 11.94 -6.89 43.10
CA LYS C 60 13.24 -6.37 43.58
C LYS C 60 13.47 -6.95 44.98
N ILE C 61 14.58 -7.66 45.14
CA ILE C 61 14.88 -8.31 46.44
C ILE C 61 15.89 -7.46 47.19
N ASP C 62 15.53 -7.08 48.41
CA ASP C 62 16.44 -6.27 49.23
C ASP C 62 17.44 -7.14 49.95
N GLY C 63 18.65 -7.19 49.41
CA GLY C 63 19.81 -7.61 50.22
C GLY C 63 20.90 -6.58 50.13
N ASN C 64 22.14 -7.02 50.00
CA ASN C 64 23.26 -6.06 49.82
C ASN C 64 23.20 -5.57 48.37
N PRO C 65 23.92 -6.21 47.43
CA PRO C 65 23.78 -5.84 46.03
C PRO C 65 22.31 -6.19 45.79
N VAL C 66 21.49 -5.18 45.54
CA VAL C 66 20.02 -5.41 45.35
C VAL C 66 19.86 -6.32 44.13
N SER C 67 18.96 -7.30 44.21
CA SER C 67 18.81 -8.26 43.09
C SER C 67 17.36 -8.21 42.56
N TYR C 68 17.11 -8.82 41.41
CA TYR C 68 15.74 -8.92 40.86
C TYR C 68 15.45 -10.37 40.52
N ALA C 69 14.19 -10.79 40.64
CA ALA C 69 13.82 -12.16 40.32
C ALA C 69 12.38 -12.23 39.84
N CYS C 70 12.12 -13.18 38.97
CA CYS C 70 10.76 -13.49 38.54
C CYS C 70 10.12 -14.40 39.60
N LYS C 71 9.17 -13.86 40.36
CA LYS C 71 8.50 -14.61 41.42
C LYS C 71 7.02 -14.84 41.07
N CYS C 72 6.56 -16.06 41.35
CA CYS C 72 5.15 -16.41 41.15
C CYS C 72 4.26 -15.65 42.11
N ASN C 73 2.99 -15.53 41.74
CA ASN C 73 2.01 -14.86 42.61
C ASN C 73 1.62 -15.83 43.75
N LEU C 74 0.98 -15.32 44.79
CA LEU C 74 0.56 -16.15 45.95
C LEU C 74 -0.34 -17.29 45.45
N GLY C 75 0.04 -18.52 45.72
CA GLY C 75 -0.78 -19.67 45.32
C GLY C 75 -0.12 -20.46 44.21
N TYR C 76 1.16 -20.17 43.91
CA TYR C 76 1.85 -20.85 42.79
C TYR C 76 3.32 -21.14 43.13
N ASP C 77 3.86 -22.25 42.61
CA ASP C 77 5.26 -22.63 42.80
C ASP C 77 5.96 -22.54 41.46
N MET C 78 7.11 -21.87 41.43
CA MET C 78 7.94 -21.92 40.21
C MET C 78 8.48 -23.33 40.03
N VAL C 79 7.81 -24.13 39.20
CA VAL C 79 8.21 -25.51 38.93
C VAL C 79 8.84 -25.57 37.55
N ASN C 80 10.11 -25.94 37.50
CA ASN C 80 10.91 -25.89 36.28
C ASN C 80 10.64 -24.59 35.54
N ASN C 81 10.67 -23.48 36.30
CA ASN C 81 10.49 -22.12 35.75
C ASN C 81 9.12 -21.93 35.09
N VAL C 82 8.07 -22.48 35.69
CA VAL C 82 6.66 -22.32 35.23
C VAL C 82 5.83 -22.18 36.49
N CYS C 83 5.01 -21.14 36.60
CA CYS C 83 4.15 -21.01 37.80
C CYS C 83 3.02 -22.02 37.68
N ILE C 84 2.77 -22.78 38.74
CA ILE C 84 1.68 -23.80 38.73
C ILE C 84 1.05 -23.76 40.11
N PRO C 85 -0.29 -23.78 40.24
CA PRO C 85 -0.97 -23.69 41.52
C PRO C 85 -0.42 -24.60 42.61
N ASN C 86 -0.30 -24.04 43.82
CA ASN C 86 0.24 -24.74 45.00
C ASN C 86 -0.75 -25.80 45.46
#